data_2RIF
#
_entry.id   2RIF
#
_cell.length_a   55.726
_cell.length_b   55.726
_cell.length_c   336.351
_cell.angle_alpha   90.00
_cell.angle_beta   90.00
_cell.angle_gamma   90.00
#
_symmetry.space_group_name_H-M   'P 41 21 2'
#
loop_
_entity.id
_entity.type
_entity.pdbx_description
1 polymer 'Conserved protein with 2 CBS domains'
2 non-polymer 'CESIUM ION'
3 non-polymer 'ADENOSINE MONOPHOSPHATE'
4 water water
#
_entity_poly.entity_id   1
_entity_poly.type   'polypeptide(L)'
_entity_poly.pdbx_seq_one_letter_code
;GAMAIRTSELLKRPPVSLPETATIREVATELAKNRVGLAVLTARDNPKRPVAVVSERDILRAVAQRLDLDGPAMPIANSP
ITVLDTDPVHVAAEKMRRHNIRHVVVVNKNGELVGVLSIRDLCFERAILLELATAEVPATP
;
_entity_poly.pdbx_strand_id   A,B,C,D
#
loop_
_chem_comp.id
_chem_comp.type
_chem_comp.name
_chem_comp.formula
AMP non-polymer 'ADENOSINE MONOPHOSPHATE' 'C10 H14 N5 O7 P'
CS non-polymer 'CESIUM ION' 'Cs 1'
#
# COMPACT_ATOMS: atom_id res chain seq x y z
N ILE A 5 -20.55 20.01 1.28
CA ILE A 5 -19.48 19.93 2.32
C ILE A 5 -18.14 19.78 1.62
N ARG A 6 -17.27 20.77 1.76
CA ARG A 6 -16.01 20.81 1.00
C ARG A 6 -14.78 20.82 1.90
N THR A 7 -13.71 20.21 1.38
CA THR A 7 -12.47 19.97 2.13
C THR A 7 -11.94 21.17 2.93
N SER A 8 -11.98 22.35 2.33
CA SER A 8 -11.50 23.58 2.98
C SER A 8 -12.26 23.92 4.27
N GLU A 9 -13.50 23.44 4.37
CA GLU A 9 -14.33 23.69 5.56
C GLU A 9 -13.97 22.76 6.72
N LEU A 10 -13.41 21.59 6.41
CA LEU A 10 -12.96 20.64 7.44
C LEU A 10 -11.51 20.90 7.88
N LEU A 11 -10.85 21.89 7.28
CA LEU A 11 -9.50 22.28 7.69
C LEU A 11 -9.56 23.10 8.98
N LYS A 12 -8.78 22.69 9.98
CA LYS A 12 -8.73 23.39 11.26
C LYS A 12 -7.30 23.73 11.73
N ARG A 13 -6.29 23.49 10.89
CA ARG A 13 -4.90 23.66 11.29
C ARG A 13 -4.00 23.99 10.10
N PRO A 14 -2.97 24.84 10.33
CA PRO A 14 -1.99 25.09 9.27
C PRO A 14 -1.16 23.85 8.97
N PRO A 15 -0.78 23.64 7.70
CA PRO A 15 -0.09 22.41 7.28
C PRO A 15 1.24 22.16 8.01
N VAL A 16 1.39 20.96 8.55
CA VAL A 16 2.63 20.53 9.18
C VAL A 16 3.56 20.02 8.09
N SER A 17 4.68 20.72 7.88
CA SER A 17 5.56 20.39 6.77
C SER A 17 7.04 20.65 7.08
N LEU A 18 7.89 19.99 6.31
CA LEU A 18 9.34 20.22 6.36
C LEU A 18 9.86 20.33 4.93
N PRO A 19 11.06 20.91 4.76
CA PRO A 19 11.67 20.89 3.43
C PRO A 19 12.06 19.47 3.03
N GLU A 20 12.07 19.19 1.73
CA GLU A 20 12.37 17.84 1.22
C GLU A 20 13.77 17.33 1.62
N THR A 21 14.65 18.22 2.04
CA THR A 21 16.00 17.85 2.48
C THR A 21 16.07 17.33 3.92
N ALA A 22 14.94 17.31 4.62
CA ALA A 22 14.90 16.87 6.00
C ALA A 22 15.28 15.40 6.17
N THR A 23 15.84 15.06 7.33
CA THR A 23 16.19 13.69 7.65
C THR A 23 14.97 12.94 8.16
N ILE A 24 15.11 11.63 8.35
CA ILE A 24 14.02 10.81 8.87
C ILE A 24 13.68 11.19 10.31
N ARG A 25 14.71 11.40 11.13
CA ARG A 25 14.50 11.77 12.54
C ARG A 25 13.88 13.17 12.67
N GLU A 26 14.31 14.10 11.82
CA GLU A 26 13.75 15.45 11.79
C GLU A 26 12.24 15.44 11.49
N VAL A 27 11.80 14.48 10.68
CA VAL A 27 10.38 14.30 10.40
C VAL A 27 9.69 13.70 11.64
N ALA A 28 10.30 12.68 12.23
CA ALA A 28 9.77 12.03 13.42
C ALA A 28 9.56 13.02 14.56
N THR A 29 10.51 13.93 14.73
CA THR A 29 10.42 14.99 15.75
C THR A 29 9.25 15.92 15.44
N GLU A 30 9.11 16.30 14.16
CA GLU A 30 8.05 17.20 13.74
C GLU A 30 6.67 16.57 13.91
N LEU A 31 6.56 15.28 13.59
CA LEU A 31 5.31 14.54 13.76
C LEU A 31 4.90 14.48 15.23
N ALA A 32 5.87 14.15 16.09
CA ALA A 32 5.63 14.05 17.53
C ALA A 32 5.28 15.40 18.15
N LYS A 33 5.99 16.45 17.71
CA LYS A 33 5.76 17.81 18.21
C LYS A 33 4.34 18.28 17.94
N ASN A 34 3.86 18.04 16.72
CA ASN A 34 2.52 18.47 16.29
C ASN A 34 1.43 17.43 16.58
N ARG A 35 1.83 16.23 17.01
CA ARG A 35 0.90 15.14 17.30
C ARG A 35 0.02 14.77 16.09
N VAL A 36 0.68 14.50 14.98
CA VAL A 36 0.02 14.13 13.73
C VAL A 36 0.67 12.88 13.14
N GLY A 37 -0.03 12.25 12.20
CA GLY A 37 0.42 11.00 11.61
C GLY A 37 1.20 11.17 10.31
N LEU A 38 1.08 12.34 9.69
CA LEU A 38 1.71 12.60 8.39
C LEU A 38 2.40 13.95 8.38
N ALA A 39 3.46 14.04 7.58
CA ALA A 39 4.18 15.31 7.36
C ALA A 39 4.39 15.49 5.86
N VAL A 40 4.08 16.70 5.37
CA VAL A 40 4.25 17.01 3.96
C VAL A 40 5.65 17.54 3.72
N LEU A 41 6.36 16.95 2.75
CA LEU A 41 7.67 17.44 2.37
C LEU A 41 7.51 18.42 1.20
N THR A 42 8.02 19.64 1.38
CA THR A 42 7.87 20.69 0.39
C THR A 42 9.15 20.90 -0.41
N ALA A 43 9.02 21.54 -1.57
CA ALA A 43 10.14 21.76 -2.47
C ALA A 43 11.23 22.65 -1.84
N ARG A 44 12.42 22.59 -2.43
CA ARG A 44 13.58 23.35 -1.95
C ARG A 44 13.37 24.81 -2.32
N ASP A 45 13.11 25.03 -3.60
CA ASP A 45 12.91 26.37 -4.17
C ASP A 45 11.55 26.98 -3.81
N ASN A 46 10.52 26.15 -3.73
CA ASN A 46 9.17 26.61 -3.41
C ASN A 46 8.55 25.79 -2.27
N PRO A 47 8.58 26.33 -1.03
CA PRO A 47 7.97 25.66 0.12
C PRO A 47 6.44 25.53 0.08
N LYS A 48 5.78 26.25 -0.84
CA LYS A 48 4.34 26.11 -1.02
C LYS A 48 3.98 24.85 -1.81
N ARG A 49 4.92 24.35 -2.60
CA ARG A 49 4.68 23.17 -3.44
C ARG A 49 5.01 21.88 -2.68
N PRO A 50 4.00 21.00 -2.49
CA PRO A 50 4.28 19.72 -1.86
C PRO A 50 4.88 18.73 -2.85
N VAL A 51 6.04 18.17 -2.51
CA VAL A 51 6.74 17.22 -3.39
C VAL A 51 6.63 15.77 -2.89
N ALA A 52 6.29 15.59 -1.62
CA ALA A 52 6.15 14.26 -1.04
C ALA A 52 5.45 14.30 0.31
N VAL A 53 5.16 13.11 0.85
CA VAL A 53 4.60 12.98 2.18
C VAL A 53 5.31 11.85 2.93
N VAL A 54 5.45 12.02 4.24
CA VAL A 54 6.04 11.00 5.09
C VAL A 54 5.11 10.76 6.27
N SER A 55 4.69 9.50 6.42
CA SER A 55 3.86 9.11 7.56
C SER A 55 4.71 8.41 8.62
N GLU A 56 4.17 8.35 9.82
CA GLU A 56 4.74 7.56 10.91
C GLU A 56 4.85 6.07 10.54
N ARG A 57 3.98 5.63 9.64
CA ARG A 57 4.05 4.29 9.06
C ARG A 57 5.37 4.08 8.31
N ASP A 58 5.82 5.10 7.60
CA ASP A 58 7.07 5.04 6.83
C ASP A 58 8.27 5.02 7.79
N ILE A 59 8.19 5.82 8.84
CA ILE A 59 9.22 5.84 9.88
C ILE A 59 9.29 4.49 10.59
N LEU A 60 8.12 3.88 10.82
CA LEU A 60 8.05 2.55 11.44
C LEU A 60 8.83 1.50 10.66
N ARG A 61 8.69 1.52 9.33
CA ARG A 61 9.44 0.60 8.46
C ARG A 61 10.93 0.89 8.51
N ALA A 62 11.28 2.18 8.57
CA ALA A 62 12.67 2.60 8.72
C ALA A 62 13.28 2.00 9.99
N VAL A 63 12.50 2.01 11.07
CA VAL A 63 12.93 1.38 12.32
C VAL A 63 13.09 -0.13 12.15
N ALA A 64 12.08 -0.78 11.59
CA ALA A 64 12.10 -2.23 11.40
C ALA A 64 13.23 -2.70 10.49
N GLN A 65 13.53 -1.92 9.45
CA GLN A 65 14.61 -2.25 8.51
C GLN A 65 15.98 -1.74 8.96
N ARG A 66 16.04 -1.14 10.15
CA ARG A 66 17.29 -0.67 10.75
C ARG A 66 18.03 0.32 9.86
N LEU A 67 17.28 1.22 9.23
CA LEU A 67 17.86 2.27 8.40
C LEU A 67 18.50 3.32 9.29
N ASP A 68 19.40 4.10 8.71
CA ASP A 68 20.00 5.23 9.41
C ASP A 68 18.94 6.33 9.51
N LEU A 69 18.43 6.57 10.72
CA LEU A 69 17.37 7.55 10.94
C LEU A 69 17.85 9.00 10.74
N ASP A 70 19.16 9.20 10.65
CA ASP A 70 19.74 10.50 10.30
C ASP A 70 19.95 10.64 8.79
N GLY A 71 19.57 9.62 8.03
CA GLY A 71 19.59 9.69 6.57
C GLY A 71 18.41 10.51 6.08
N PRO A 72 18.39 10.82 4.77
CA PRO A 72 17.31 11.65 4.22
C PRO A 72 15.95 10.96 4.28
N ALA A 73 14.89 11.76 4.39
CA ALA A 73 13.53 11.25 4.49
C ALA A 73 12.90 11.00 3.12
N MET A 74 13.40 11.65 2.09
CA MET A 74 12.80 11.58 0.76
C MET A 74 12.66 10.15 0.21
N PRO A 75 13.71 9.32 0.36
CA PRO A 75 13.60 7.94 -0.14
C PRO A 75 12.51 7.10 0.53
N ILE A 76 12.15 7.41 1.78
CA ILE A 76 11.04 6.71 2.46
C ILE A 76 9.68 7.41 2.27
N ALA A 77 9.67 8.55 1.58
CA ALA A 77 8.44 9.33 1.37
C ALA A 77 7.67 8.87 0.13
N ASN A 78 6.46 9.41 -0.05
CA ASN A 78 5.58 9.05 -1.16
C ASN A 78 5.11 10.26 -1.96
N SER A 79 4.79 10.03 -3.24
CA SER A 79 4.25 11.07 -4.11
C SER A 79 2.88 11.49 -3.59
N PRO A 80 2.66 12.81 -3.37
CA PRO A 80 1.44 13.25 -2.70
C PRO A 80 0.13 12.95 -3.44
N ILE A 81 -0.78 12.26 -2.76
CA ILE A 81 -2.13 12.04 -3.28
C ILE A 81 -2.97 13.22 -2.80
N THR A 82 -3.44 14.04 -3.73
CA THR A 82 -4.05 15.33 -3.38
C THR A 82 -5.54 15.42 -3.70
N VAL A 83 -6.17 16.41 -3.07
CA VAL A 83 -7.54 16.81 -3.39
C VAL A 83 -7.59 18.33 -3.40
N LEU A 84 -8.48 18.91 -4.21
CA LEU A 84 -8.60 20.37 -4.25
C LEU A 84 -9.31 20.88 -3.00
N ASP A 85 -9.00 22.12 -2.63
CA ASP A 85 -9.67 22.78 -1.50
C ASP A 85 -11.16 23.00 -1.79
N THR A 86 -11.50 23.14 -3.07
CA THR A 86 -12.87 23.33 -3.51
C THR A 86 -13.64 22.02 -3.71
N ASP A 87 -12.94 20.88 -3.69
CA ASP A 87 -13.58 19.58 -3.87
C ASP A 87 -14.48 19.23 -2.69
N PRO A 88 -15.55 18.46 -2.95
CA PRO A 88 -16.40 17.98 -1.87
C PRO A 88 -15.69 16.90 -1.04
N VAL A 89 -16.07 16.76 0.22
CA VAL A 89 -15.36 15.90 1.18
C VAL A 89 -15.38 14.42 0.81
N HIS A 90 -16.45 13.96 0.15
CA HIS A 90 -16.58 12.56 -0.25
C HIS A 90 -15.50 12.12 -1.24
N VAL A 91 -14.92 13.08 -1.96
CA VAL A 91 -13.83 12.80 -2.90
C VAL A 91 -12.57 12.45 -2.13
N ALA A 92 -12.32 13.18 -1.05
CA ALA A 92 -11.18 12.91 -0.17
C ALA A 92 -11.32 11.55 0.49
N ALA A 93 -12.53 11.23 0.97
CA ALA A 93 -12.83 9.96 1.60
C ALA A 93 -12.69 8.80 0.61
N GLU A 94 -13.06 9.05 -0.64
CA GLU A 94 -12.96 8.05 -1.70
C GLU A 94 -11.51 7.67 -2.00
N LYS A 95 -10.61 8.66 -1.95
CA LYS A 95 -9.19 8.43 -2.18
C LYS A 95 -8.53 7.66 -1.03
N MET A 96 -8.97 7.94 0.20
CA MET A 96 -8.47 7.23 1.37
C MET A 96 -8.82 5.75 1.27
N ARG A 97 -10.05 5.45 0.87
CA ARG A 97 -10.52 4.07 0.73
C ARG A 97 -9.77 3.32 -0.37
N ARG A 98 -9.80 3.91 -1.56
CA ARG A 98 -9.22 3.31 -2.76
C ARG A 98 -7.74 3.00 -2.61
N HIS A 99 -6.98 3.99 -2.11
CA HIS A 99 -5.53 3.87 -2.01
C HIS A 99 -5.04 3.35 -0.66
N ASN A 100 -5.98 3.01 0.21
CA ASN A 100 -5.65 2.48 1.53
C ASN A 100 -4.73 3.43 2.30
N ILE A 101 -5.12 4.70 2.37
CA ILE A 101 -4.38 5.71 3.12
C ILE A 101 -5.33 6.42 4.07
N ARG A 102 -4.77 7.04 5.12
CA ARG A 102 -5.57 7.73 6.13
C ARG A 102 -5.35 9.24 6.09
N HIS A 103 -4.75 9.73 5.00
CA HIS A 103 -4.54 11.16 4.80
C HIS A 103 -4.68 11.54 3.33
N VAL A 104 -5.04 12.79 3.10
CA VAL A 104 -5.05 13.38 1.75
C VAL A 104 -4.56 14.83 1.86
N VAL A 105 -3.65 15.20 0.96
CA VAL A 105 -3.06 16.54 0.96
C VAL A 105 -3.97 17.50 0.21
N VAL A 106 -4.51 18.49 0.93
CA VAL A 106 -5.39 19.48 0.31
C VAL A 106 -4.58 20.61 -0.31
N VAL A 107 -4.73 20.80 -1.62
CA VAL A 107 -4.05 21.88 -2.34
C VAL A 107 -5.06 22.78 -3.05
N ASN A 108 -4.59 23.91 -3.55
CA ASN A 108 -5.45 24.86 -4.28
C ASN A 108 -5.34 24.64 -5.79
N LYS A 109 -5.99 25.50 -6.58
CA LYS A 109 -5.99 25.38 -8.04
C LYS A 109 -4.58 25.54 -8.62
N ASN A 110 -3.74 26.36 -7.96
CA ASN A 110 -2.36 26.58 -8.39
C ASN A 110 -1.44 25.40 -8.03
N GLY A 111 -1.91 24.51 -7.15
CA GLY A 111 -1.14 23.34 -6.72
C GLY A 111 -0.29 23.62 -5.50
N GLU A 112 -0.73 24.57 -4.67
CA GLU A 112 0.01 24.98 -3.47
C GLU A 112 -0.60 24.34 -2.24
N LEU A 113 0.23 24.05 -1.24
CA LEU A 113 -0.21 23.38 -0.01
C LEU A 113 -1.13 24.27 0.82
N VAL A 114 -2.41 23.89 0.88
CA VAL A 114 -3.40 24.58 1.70
C VAL A 114 -3.49 23.92 3.07
N GLY A 115 -3.56 22.60 3.08
CA GLY A 115 -3.62 21.84 4.32
C GLY A 115 -3.62 20.33 4.11
N VAL A 116 -3.88 19.59 5.18
CA VAL A 116 -3.93 18.13 5.13
C VAL A 116 -5.17 17.63 5.85
N LEU A 117 -5.91 16.74 5.21
CA LEU A 117 -7.11 16.15 5.77
C LEU A 117 -6.79 14.72 6.19
N SER A 118 -7.46 14.25 7.24
CA SER A 118 -7.22 12.91 7.80
C SER A 118 -8.51 12.12 7.90
N ILE A 119 -8.38 10.79 7.94
CA ILE A 119 -9.52 9.90 8.15
C ILE A 119 -10.21 10.21 9.48
N ARG A 120 -9.45 10.78 10.42
CA ARG A 120 -9.98 11.22 11.71
C ARG A 120 -11.02 12.34 11.55
N ASP A 121 -10.82 13.21 10.55
CA ASP A 121 -11.73 14.33 10.28
C ASP A 121 -13.08 13.88 9.71
N LEU A 122 -13.06 12.85 8.88
CA LEU A 122 -14.25 12.41 8.15
C LEU A 122 -15.14 11.48 8.97
N CYS A 123 -14.53 10.70 9.86
CA CYS A 123 -15.23 9.63 10.56
C CYS A 123 -15.83 10.01 11.92
N PHE A 124 -15.29 11.04 12.57
CA PHE A 124 -15.74 11.42 13.91
C PHE A 124 -16.64 12.65 13.96
N GLU A 125 -17.53 12.78 12.96
CA GLU A 125 -18.59 13.78 13.02
C GLU A 125 -19.82 13.27 12.27
N ARG A 126 -20.95 13.23 12.96
CA ARG A 126 -22.21 12.69 12.40
C ARG A 126 -22.64 13.40 11.12
N ALA A 127 -22.39 14.71 11.05
CA ALA A 127 -22.76 15.50 9.86
C ALA A 127 -22.05 15.00 8.59
N ILE A 128 -20.79 14.59 8.74
CA ILE A 128 -20.00 14.11 7.61
C ILE A 128 -20.36 12.65 7.27
N LEU A 129 -20.38 11.79 8.27
CA LEU A 129 -20.70 10.36 8.09
C LEU A 129 -21.97 10.15 7.27
N LEU A 130 -23.00 10.95 7.55
CA LEU A 130 -24.27 10.89 6.82
C LEU A 130 -24.07 11.23 5.34
N GLU A 131 -23.25 12.24 5.08
CA GLU A 131 -22.97 12.68 3.70
C GLU A 131 -22.10 11.68 2.94
N LEU A 132 -21.23 10.98 3.65
CA LEU A 132 -20.43 9.90 3.05
C LEU A 132 -21.33 8.74 2.65
N ALA A 133 -22.45 8.57 3.37
CA ALA A 133 -23.45 7.55 3.06
C ALA A 133 -24.31 7.97 1.85
N THR A 134 -24.65 9.25 1.78
CA THR A 134 -25.51 9.76 0.71
C THR A 134 -24.82 9.77 -0.66
N ALA A 135 -23.51 10.04 -0.67
CA ALA A 135 -22.71 10.09 -1.89
C ALA A 135 -23.11 11.29 -2.75
N ILE B 5 -23.73 -5.95 11.05
CA ILE B 5 -24.38 -5.29 12.24
C ILE B 5 -23.48 -5.35 13.47
N ARG B 6 -22.81 -6.49 13.68
CA ARG B 6 -22.02 -6.70 14.90
C ARG B 6 -20.50 -6.77 14.66
N THR B 7 -19.74 -6.56 15.73
CA THR B 7 -18.28 -6.38 15.69
C THR B 7 -17.53 -7.48 14.95
N SER B 8 -17.80 -8.74 15.30
CA SER B 8 -17.11 -9.89 14.72
C SER B 8 -17.23 -9.99 13.20
N GLU B 9 -18.33 -9.49 12.65
CA GLU B 9 -18.59 -9.56 11.20
C GLU B 9 -17.66 -8.66 10.40
N LEU B 10 -17.07 -7.65 11.04
CA LEU B 10 -16.15 -6.73 10.38
C LEU B 10 -14.69 -7.15 10.48
N LEU B 11 -14.38 -8.15 11.31
CA LEU B 11 -13.01 -8.65 11.44
C LEU B 11 -12.54 -9.31 10.14
N LYS B 12 -11.38 -8.87 9.65
CA LYS B 12 -10.82 -9.36 8.39
C LYS B 12 -9.74 -10.44 8.57
N ARG B 13 -9.07 -10.44 9.72
CA ARG B 13 -7.84 -11.21 9.90
C ARG B 13 -7.70 -11.83 11.28
N PRO B 14 -6.76 -12.79 11.43
CA PRO B 14 -6.38 -13.24 12.77
C PRO B 14 -5.59 -12.15 13.50
N PRO B 15 -5.67 -12.10 14.84
CA PRO B 15 -5.00 -11.03 15.58
C PRO B 15 -3.48 -11.00 15.41
N VAL B 16 -2.92 -9.82 15.17
CA VAL B 16 -1.48 -9.63 15.10
C VAL B 16 -1.02 -9.29 16.51
N SER B 17 -0.22 -10.16 17.11
CA SER B 17 0.19 -9.99 18.50
C SER B 17 1.58 -10.54 18.78
N LEU B 18 2.18 -10.02 19.86
CA LEU B 18 3.46 -10.52 20.38
C LEU B 18 3.29 -10.71 21.88
N PRO B 19 4.22 -11.46 22.50
CA PRO B 19 4.20 -11.54 23.97
C PRO B 19 4.54 -10.17 24.59
N GLU B 20 4.12 -9.95 25.83
CA GLU B 20 4.38 -8.68 26.52
C GLU B 20 5.87 -8.38 26.74
N THR B 21 6.70 -9.42 26.67
CA THR B 21 8.14 -9.28 26.82
C THR B 21 8.86 -8.81 25.54
N ALA B 22 8.10 -8.52 24.50
CA ALA B 22 8.67 -8.08 23.21
C ALA B 22 9.36 -6.73 23.32
N THR B 23 10.40 -6.53 22.51
CA THR B 23 11.12 -5.26 22.46
C THR B 23 10.42 -4.29 21.52
N ILE B 24 10.82 -3.04 21.55
CA ILE B 24 10.21 -2.00 20.72
C ILE B 24 10.41 -2.30 19.23
N ARG B 25 11.63 -2.72 18.86
CA ARG B 25 11.94 -3.06 17.47
C ARG B 25 11.20 -4.32 17.01
N GLU B 26 11.10 -5.31 17.91
CA GLU B 26 10.38 -6.55 17.61
C GLU B 26 8.92 -6.27 17.25
N VAL B 27 8.31 -5.32 17.95
CA VAL B 27 6.95 -4.87 17.63
C VAL B 27 6.94 -4.16 16.27
N ALA B 28 7.95 -3.31 16.05
CA ALA B 28 8.09 -2.57 14.79
C ALA B 28 8.19 -3.51 13.59
N THR B 29 8.98 -4.58 13.74
CA THR B 29 9.13 -5.59 12.71
C THR B 29 7.81 -6.28 12.42
N GLU B 30 7.09 -6.64 13.48
CA GLU B 30 5.83 -7.37 13.37
C GLU B 30 4.73 -6.51 12.74
N LEU B 31 4.76 -5.21 13.00
CA LEU B 31 3.81 -4.27 12.40
C LEU B 31 4.08 -4.07 10.91
N ALA B 32 5.36 -3.94 10.55
CA ALA B 32 5.76 -3.77 9.15
C ALA B 32 5.48 -5.02 8.34
N LYS B 33 5.75 -6.19 8.93
CA LYS B 33 5.58 -7.47 8.26
C LYS B 33 4.12 -7.80 7.97
N ASN B 34 3.22 -7.30 8.82
CA ASN B 34 1.79 -7.53 8.66
C ASN B 34 1.03 -6.34 8.08
N ARG B 35 1.72 -5.23 7.83
CA ARG B 35 1.10 -4.02 7.28
C ARG B 35 -0.14 -3.59 8.08
N VAL B 36 0.05 -3.48 9.40
CA VAL B 36 -0.99 -3.00 10.30
C VAL B 36 -0.43 -1.88 11.17
N GLY B 37 -1.32 -1.17 11.86
CA GLY B 37 -0.94 0.00 12.65
C GLY B 37 -0.75 -0.27 14.13
N LEU B 38 -1.36 -1.34 14.62
CA LEU B 38 -1.34 -1.68 16.04
C LEU B 38 -0.93 -3.14 16.26
N ALA B 39 -0.31 -3.42 17.40
CA ALA B 39 0.03 -4.78 17.80
C ALA B 39 -0.43 -5.01 19.24
N VAL B 40 -1.11 -6.14 19.47
CA VAL B 40 -1.61 -6.47 20.81
C VAL B 40 -0.53 -7.23 21.57
N LEU B 41 -0.25 -6.79 22.79
CA LEU B 41 0.68 -7.51 23.66
C LEU B 41 -0.09 -8.49 24.52
N THR B 42 0.18 -9.78 24.35
CA THR B 42 -0.50 -10.83 25.12
C THR B 42 0.31 -11.21 26.36
N ALA B 43 -0.37 -11.77 27.34
CA ALA B 43 0.26 -12.16 28.62
C ALA B 43 1.29 -13.28 28.43
N ARG B 44 2.22 -13.38 29.38
CA ARG B 44 3.26 -14.40 29.35
C ARG B 44 2.62 -15.78 29.49
N ASP B 45 1.89 -15.95 30.59
CA ASP B 45 1.26 -17.22 30.94
C ASP B 45 0.10 -17.59 30.01
N ASN B 46 -0.66 -16.58 29.61
CA ASN B 46 -1.83 -16.78 28.75
C ASN B 46 -1.74 -15.92 27.47
N PRO B 47 -1.32 -16.53 26.35
CA PRO B 47 -1.26 -15.82 25.06
C PRO B 47 -2.61 -15.39 24.50
N LYS B 48 -3.71 -15.82 25.10
CA LYS B 48 -5.05 -15.40 24.69
C LYS B 48 -5.50 -14.10 25.38
N ARG B 49 -4.90 -13.78 26.52
CA ARG B 49 -5.28 -12.58 27.27
C ARG B 49 -4.48 -11.36 26.83
N PRO B 50 -5.15 -10.34 26.25
CA PRO B 50 -4.44 -9.12 25.88
C PRO B 50 -4.15 -8.24 27.10
N VAL B 51 -2.88 -7.95 27.32
CA VAL B 51 -2.46 -7.14 28.47
C VAL B 51 -2.18 -5.69 28.10
N ALA B 52 -1.79 -5.45 26.85
CA ALA B 52 -1.54 -4.09 26.37
C ALA B 52 -1.56 -4.02 24.84
N VAL B 53 -1.49 -2.79 24.33
CA VAL B 53 -1.41 -2.55 22.89
C VAL B 53 -0.29 -1.57 22.59
N VAL B 54 0.36 -1.73 21.43
CA VAL B 54 1.39 -0.81 20.99
C VAL B 54 1.10 -0.40 19.55
N SER B 55 1.10 0.91 19.30
CA SER B 55 0.86 1.44 17.96
C SER B 55 2.14 2.01 17.38
N GLU B 56 2.16 2.12 16.05
CA GLU B 56 3.24 2.81 15.35
C GLU B 56 3.38 4.26 15.87
N ARG B 57 2.28 4.85 16.33
CA ARG B 57 2.29 6.16 16.98
C ARG B 57 3.15 6.15 18.24
N ASP B 58 3.06 5.06 19.01
CA ASP B 58 3.90 4.90 20.21
C ASP B 58 5.36 4.73 19.83
N ILE B 59 5.61 3.98 18.75
CA ILE B 59 6.96 3.76 18.24
C ILE B 59 7.55 5.05 17.66
N LEU B 60 6.71 5.85 17.02
CA LEU B 60 7.14 7.14 16.46
C LEU B 60 7.68 8.06 17.56
N ARG B 61 6.95 8.14 18.67
CA ARG B 61 7.37 8.97 19.80
C ARG B 61 8.64 8.42 20.44
N ALA B 62 8.78 7.09 20.47
CA ALA B 62 10.00 6.45 20.96
C ALA B 62 11.19 6.82 20.10
N VAL B 63 10.96 6.97 18.80
CA VAL B 63 11.99 7.39 17.85
C VAL B 63 12.37 8.86 18.06
N ALA B 64 11.37 9.72 18.24
CA ALA B 64 11.59 11.15 18.46
C ALA B 64 12.31 11.42 19.78
N GLN B 65 12.00 10.63 20.81
CA GLN B 65 12.60 10.78 22.13
C GLN B 65 13.95 10.07 22.27
N ARG B 66 14.36 9.37 21.22
CA ARG B 66 15.64 8.63 21.20
C ARG B 66 15.71 7.56 22.28
N LEU B 67 14.64 6.78 22.42
CA LEU B 67 14.64 5.64 23.34
C LEU B 67 15.45 4.51 22.75
N ASP B 68 15.89 3.58 23.60
CA ASP B 68 16.58 2.38 23.11
C ASP B 68 15.53 1.52 22.43
N LEU B 69 15.65 1.40 21.11
CA LEU B 69 14.67 0.66 20.30
C LEU B 69 14.75 -0.86 20.49
N ASP B 70 15.79 -1.32 21.19
CA ASP B 70 15.91 -2.73 21.58
C ASP B 70 15.52 -2.94 23.05
N GLY B 71 15.03 -1.88 23.70
CA GLY B 71 14.51 -1.98 25.06
C GLY B 71 13.09 -2.53 25.05
N PRO B 72 12.51 -2.76 26.24
CA PRO B 72 11.16 -3.35 26.33
C PRO B 72 10.06 -2.45 25.76
N ALA B 73 9.03 -3.07 25.20
CA ALA B 73 7.91 -2.34 24.59
C ALA B 73 6.81 -2.00 25.59
N MET B 74 6.72 -2.75 26.68
CA MET B 74 5.66 -2.55 27.68
C MET B 74 5.57 -1.11 28.20
N PRO B 75 6.73 -0.47 28.50
CA PRO B 75 6.69 0.92 28.97
C PRO B 75 6.06 1.94 27.99
N ILE B 76 6.04 1.64 26.69
CA ILE B 76 5.35 2.50 25.72
C ILE B 76 3.96 1.96 25.35
N ALA B 77 3.61 0.78 25.86
CA ALA B 77 2.30 0.17 25.60
C ALA B 77 1.21 0.78 26.47
N ASN B 78 -0.04 0.68 26.01
CA ASN B 78 -1.20 1.17 26.76
C ASN B 78 -2.16 0.05 27.13
N SER B 79 -2.92 0.26 28.20
CA SER B 79 -3.93 -0.71 28.64
C SER B 79 -5.06 -0.77 27.62
N PRO B 80 -5.45 -1.99 27.17
CA PRO B 80 -6.38 -2.15 26.04
C PRO B 80 -7.79 -1.61 26.26
N ILE B 81 -8.27 -0.82 25.29
CA ILE B 81 -9.66 -0.42 25.21
C ILE B 81 -10.35 -1.45 24.33
N THR B 82 -11.38 -2.11 24.86
CA THR B 82 -11.96 -3.27 24.20
C THR B 82 -13.43 -3.14 23.84
N VAL B 83 -13.87 -4.00 22.92
CA VAL B 83 -15.28 -4.20 22.61
C VAL B 83 -15.53 -5.71 22.53
N LEU B 84 -16.74 -6.15 22.86
CA LEU B 84 -17.09 -7.56 22.73
C LEU B 84 -17.30 -7.91 21.26
N ASP B 85 -17.05 -9.16 20.91
CA ASP B 85 -17.29 -9.65 19.56
C ASP B 85 -18.78 -9.67 19.22
N THR B 86 -19.62 -9.80 20.26
CA THR B 86 -21.07 -9.78 20.09
C THR B 86 -21.68 -8.36 20.19
N ASP B 87 -20.84 -7.33 20.38
CA ASP B 87 -21.33 -5.95 20.39
C ASP B 87 -21.66 -5.47 18.98
N PRO B 88 -22.56 -4.49 18.86
CA PRO B 88 -22.83 -3.83 17.58
C PRO B 88 -21.66 -2.93 17.15
N VAL B 89 -21.49 -2.78 15.84
CA VAL B 89 -20.32 -2.09 15.26
C VAL B 89 -20.18 -0.61 15.64
N HIS B 90 -21.30 0.05 15.94
CA HIS B 90 -21.28 1.48 16.26
C HIS B 90 -20.64 1.76 17.62
N VAL B 91 -20.58 0.75 18.48
CA VAL B 91 -19.94 0.86 19.79
C VAL B 91 -18.44 0.97 19.61
N ALA B 92 -17.89 0.14 18.72
CA ALA B 92 -16.47 0.22 18.37
C ALA B 92 -16.15 1.56 17.73
N ALA B 93 -17.06 2.07 16.92
CA ALA B 93 -16.87 3.34 16.22
C ALA B 93 -16.84 4.54 17.16
N GLU B 94 -17.73 4.57 18.14
CA GLU B 94 -17.80 5.72 19.04
C GLU B 94 -16.70 5.68 20.11
N LYS B 95 -16.21 4.50 20.45
CA LYS B 95 -15.06 4.37 21.35
C LYS B 95 -13.80 4.95 20.70
N MET B 96 -13.66 4.72 19.40
CA MET B 96 -12.56 5.31 18.62
C MET B 96 -12.65 6.83 18.61
N ARG B 97 -13.85 7.35 18.37
CA ARG B 97 -14.11 8.79 18.40
C ARG B 97 -13.90 9.37 19.80
N ARG B 98 -14.36 8.65 20.81
CA ARG B 98 -14.29 9.10 22.20
C ARG B 98 -12.84 9.14 22.72
N HIS B 99 -12.11 8.04 22.54
CA HIS B 99 -10.74 7.93 23.02
C HIS B 99 -9.70 8.50 22.04
N ASN B 100 -10.16 8.95 20.87
CA ASN B 100 -9.28 9.45 19.82
C ASN B 100 -8.25 8.39 19.42
N ILE B 101 -8.73 7.16 19.26
CA ILE B 101 -7.92 6.02 18.82
C ILE B 101 -8.47 5.53 17.48
N ARG B 102 -7.62 4.85 16.71
CA ARG B 102 -8.02 4.33 15.41
C ARG B 102 -8.09 2.80 15.42
N HIS B 103 -8.06 2.22 16.62
CA HIS B 103 -8.20 0.77 16.79
C HIS B 103 -8.99 0.47 18.05
N VAL B 104 -9.69 -0.66 18.03
CA VAL B 104 -10.32 -1.23 19.21
C VAL B 104 -10.05 -2.73 19.20
N VAL B 105 -9.67 -3.27 20.36
CA VAL B 105 -9.38 -4.69 20.48
C VAL B 105 -10.68 -5.43 20.74
N VAL B 106 -10.97 -6.43 19.91
CA VAL B 106 -12.19 -7.22 20.04
C VAL B 106 -11.91 -8.47 20.86
N VAL B 107 -12.64 -8.64 21.96
CA VAL B 107 -12.51 -9.81 22.82
C VAL B 107 -13.85 -10.54 22.95
N ASN B 108 -13.83 -11.72 23.56
CA ASN B 108 -15.05 -12.48 23.82
C ASN B 108 -15.50 -12.30 25.27
N LYS B 109 -16.59 -12.95 25.65
CA LYS B 109 -17.11 -12.86 27.03
C LYS B 109 -16.14 -13.40 28.08
N ASN B 110 -15.23 -14.29 27.67
CA ASN B 110 -14.20 -14.80 28.58
C ASN B 110 -13.03 -13.83 28.74
N GLY B 111 -12.95 -12.84 27.83
CA GLY B 111 -11.90 -11.83 27.86
C GLY B 111 -10.68 -12.22 27.05
N GLU B 112 -10.88 -13.08 26.06
CA GLU B 112 -9.79 -13.59 25.22
C GLU B 112 -9.73 -12.82 23.91
N LEU B 113 -8.52 -12.71 23.36
CA LEU B 113 -8.31 -11.97 22.11
C LEU B 113 -8.95 -12.69 20.91
N VAL B 114 -9.97 -12.07 20.32
CA VAL B 114 -10.63 -12.59 19.13
C VAL B 114 -10.06 -11.91 17.88
N GLY B 115 -9.84 -10.60 17.98
CA GLY B 115 -9.25 -9.84 16.88
C GLY B 115 -9.08 -8.37 17.22
N VAL B 116 -8.75 -7.57 16.20
CA VAL B 116 -8.59 -6.13 16.35
C VAL B 116 -9.31 -5.43 15.20
N LEU B 117 -10.10 -4.41 15.51
CA LEU B 117 -10.83 -3.65 14.51
C LEU B 117 -10.17 -2.28 14.35
N SER B 118 -10.24 -1.73 13.14
CA SER B 118 -9.61 -0.45 12.83
C SER B 118 -10.64 0.54 12.31
N ILE B 119 -10.34 1.83 12.44
CA ILE B 119 -11.18 2.89 11.86
C ILE B 119 -11.34 2.66 10.35
N ARG B 120 -10.30 2.09 9.75
CA ARG B 120 -10.28 1.72 8.33
C ARG B 120 -11.46 0.80 7.96
N ASP B 121 -11.80 -0.11 8.86
CA ASP B 121 -12.89 -1.07 8.63
C ASP B 121 -14.28 -0.43 8.64
N LEU B 122 -14.46 0.60 9.47
CA LEU B 122 -15.77 1.20 9.69
C LEU B 122 -16.15 2.28 8.66
N CYS B 123 -15.15 3.03 8.18
CA CYS B 123 -15.41 4.19 7.34
C CYS B 123 -15.47 3.92 5.83
N PHE B 124 -14.81 2.85 5.38
CA PHE B 124 -14.70 2.57 3.95
C PHE B 124 -15.73 1.56 3.41
N GLU B 125 -16.87 1.45 4.09
CA GLU B 125 -17.99 0.63 3.62
C GLU B 125 -19.27 1.44 3.70
N ARG B 126 -19.99 1.55 2.58
CA ARG B 126 -21.23 2.31 2.54
C ARG B 126 -22.31 1.71 3.45
N ALA B 127 -22.30 0.38 3.58
CA ALA B 127 -23.26 -0.32 4.43
C ALA B 127 -23.09 0.05 5.90
N ILE B 128 -21.85 0.25 6.34
CA ILE B 128 -21.55 0.61 7.72
C ILE B 128 -21.80 2.09 7.97
N LEU B 129 -21.28 2.94 7.08
CA LEU B 129 -21.39 4.40 7.22
C LEU B 129 -22.80 4.89 7.54
N LEU B 130 -23.80 4.33 6.86
CA LEU B 130 -25.20 4.73 7.09
C LEU B 130 -25.71 4.33 8.48
N GLU B 131 -25.17 3.24 9.02
CA GLU B 131 -25.51 2.79 10.37
C GLU B 131 -24.89 3.69 11.45
N LEU B 132 -23.64 4.10 11.22
CA LEU B 132 -22.88 4.87 12.21
C LEU B 132 -23.37 6.32 12.40
N ALA B 133 -24.10 6.85 11.41
CA ALA B 133 -24.61 8.21 11.49
C ALA B 133 -25.77 8.32 12.47
N ILE C 5 -1.56 -29.07 -3.03
CA ILE C 5 -0.41 -28.60 -3.85
C ILE C 5 0.47 -27.64 -3.06
N ARG C 6 1.69 -28.07 -2.74
CA ARG C 6 2.65 -27.23 -2.02
C ARG C 6 3.09 -26.04 -2.88
N THR C 7 3.51 -24.97 -2.21
CA THR C 7 4.03 -23.78 -2.89
C THR C 7 5.40 -24.00 -3.53
N SER C 8 6.16 -24.97 -3.00
CA SER C 8 7.47 -25.32 -3.57
C SER C 8 7.35 -25.94 -4.96
N GLU C 9 6.17 -26.46 -5.28
CA GLU C 9 5.93 -27.10 -6.58
C GLU C 9 5.78 -26.09 -7.72
N LEU C 10 5.43 -24.85 -7.38
CA LEU C 10 5.26 -23.79 -8.39
C LEU C 10 6.55 -23.03 -8.73
N LEU C 11 7.53 -23.07 -7.83
CA LEU C 11 8.80 -22.36 -8.02
C LEU C 11 9.49 -22.79 -9.31
N LYS C 12 9.54 -21.88 -10.28
CA LYS C 12 10.10 -22.18 -11.60
C LYS C 12 11.62 -22.08 -11.66
N ARG C 13 12.15 -20.94 -11.20
CA ARG C 13 13.58 -20.65 -11.33
C ARG C 13 14.21 -20.37 -9.96
N PRO C 14 15.56 -20.32 -9.90
CA PRO C 14 16.23 -19.94 -8.64
C PRO C 14 15.90 -18.49 -8.26
N PRO C 15 16.01 -18.16 -6.95
CA PRO C 15 15.64 -16.81 -6.50
C PRO C 15 16.55 -15.71 -7.03
N VAL C 16 15.94 -14.68 -7.62
CA VAL C 16 16.66 -13.50 -8.07
C VAL C 16 16.85 -12.58 -6.87
N SER C 17 18.10 -12.37 -6.47
CA SER C 17 18.41 -11.60 -5.28
C SER C 17 19.72 -10.82 -5.39
N LEU C 18 19.83 -9.78 -4.58
CA LEU C 18 21.08 -9.03 -4.42
C LEU C 18 21.36 -8.89 -2.93
N PRO C 19 22.58 -8.48 -2.57
CA PRO C 19 22.83 -8.14 -1.17
C PRO C 19 22.07 -6.88 -0.78
N GLU C 20 21.76 -6.73 0.50
CA GLU C 20 21.03 -5.56 1.00
C GLU C 20 21.77 -4.23 0.77
N THR C 21 23.07 -4.31 0.52
CA THR C 21 23.91 -3.14 0.25
C THR C 21 23.77 -2.61 -1.19
N ALA C 22 22.96 -3.27 -2.02
CA ALA C 22 22.78 -2.87 -3.42
C ALA C 22 22.11 -1.52 -3.58
N THR C 23 22.40 -0.84 -4.68
CA THR C 23 21.81 0.46 -4.99
C THR C 23 20.51 0.28 -5.76
N ILE C 24 19.75 1.37 -5.92
CA ILE C 24 18.48 1.35 -6.63
C ILE C 24 18.67 0.94 -8.11
N ARG C 25 19.70 1.47 -8.76
CA ARG C 25 19.96 1.14 -10.17
C ARG C 25 20.43 -0.31 -10.33
N GLU C 26 21.21 -0.81 -9.37
CA GLU C 26 21.66 -2.21 -9.38
C GLU C 26 20.48 -3.18 -9.30
N VAL C 27 19.46 -2.81 -8.51
CA VAL C 27 18.23 -3.61 -8.43
C VAL C 27 17.47 -3.55 -9.75
N ALA C 28 17.39 -2.34 -10.33
CA ALA C 28 16.70 -2.13 -11.60
C ALA C 28 17.35 -2.90 -12.75
N THR C 29 18.68 -2.96 -12.74
CA THR C 29 19.43 -3.73 -13.73
C THR C 29 19.13 -5.22 -13.57
N GLU C 30 19.16 -5.70 -12.33
CA GLU C 30 18.95 -7.12 -12.04
C GLU C 30 17.53 -7.56 -12.37
N LEU C 31 16.55 -6.69 -12.09
CA LEU C 31 15.15 -6.97 -12.46
C LEU C 31 14.97 -7.01 -13.98
N ALA C 32 15.62 -6.07 -14.68
CA ALA C 32 15.55 -6.02 -16.15
C ALA C 32 16.27 -7.19 -16.81
N LYS C 33 17.40 -7.61 -16.23
CA LYS C 33 18.19 -8.73 -16.73
C LYS C 33 17.39 -10.03 -16.68
N ASN C 34 16.79 -10.29 -15.52
CA ASN C 34 16.01 -11.50 -15.28
C ASN C 34 14.54 -11.39 -15.70
N ARG C 35 14.12 -10.19 -16.09
CA ARG C 35 12.71 -9.93 -16.47
C ARG C 35 11.73 -10.41 -15.40
N VAL C 36 11.94 -9.94 -14.18
CA VAL C 36 11.04 -10.21 -13.05
C VAL C 36 10.65 -8.89 -12.39
N GLY C 37 9.55 -8.91 -11.64
CA GLY C 37 9.02 -7.71 -11.03
C GLY C 37 9.61 -7.39 -9.66
N LEU C 38 10.05 -8.42 -8.95
CA LEU C 38 10.54 -8.29 -7.60
C LEU C 38 11.94 -8.87 -7.46
N ALA C 39 12.74 -8.27 -6.59
CA ALA C 39 14.05 -8.81 -6.23
C ALA C 39 14.13 -8.86 -4.71
N VAL C 40 14.66 -9.95 -4.18
CA VAL C 40 14.83 -10.11 -2.73
C VAL C 40 16.19 -9.58 -2.31
N LEU C 41 16.20 -8.78 -1.25
CA LEU C 41 17.46 -8.30 -0.66
C LEU C 41 17.84 -9.21 0.50
N THR C 42 19.06 -9.75 0.46
CA THR C 42 19.54 -10.67 1.49
C THR C 42 20.54 -10.00 2.42
N ALA C 43 20.70 -10.57 3.62
CA ALA C 43 21.58 -10.02 4.64
C ALA C 43 23.05 -10.07 4.23
N ARG C 44 23.83 -9.13 4.74
CA ARG C 44 25.28 -9.05 4.47
C ARG C 44 25.98 -10.33 4.93
N ASP C 45 25.71 -10.71 6.17
CA ASP C 45 26.36 -11.85 6.82
C ASP C 45 25.76 -13.22 6.46
N ASN C 46 24.58 -13.22 5.84
CA ASN C 46 23.95 -14.46 5.41
C ASN C 46 23.14 -14.26 4.14
N PRO C 47 23.74 -14.57 2.97
CA PRO C 47 23.05 -14.45 1.68
C PRO C 47 21.82 -15.35 1.53
N LYS C 48 21.65 -16.32 2.41
CA LYS C 48 20.46 -17.18 2.40
C LYS C 48 19.27 -16.53 3.12
N ARG C 49 19.54 -15.61 4.04
CA ARG C 49 18.48 -14.95 4.80
C ARG C 49 17.95 -13.71 4.09
N PRO C 50 16.66 -13.70 3.71
CA PRO C 50 16.07 -12.50 3.11
C PRO C 50 15.73 -11.44 4.15
N VAL C 51 16.21 -10.21 3.94
CA VAL C 51 15.96 -9.10 4.87
C VAL C 51 14.98 -8.07 4.30
N ALA C 52 14.76 -8.08 2.99
CA ALA C 52 13.83 -7.15 2.36
C ALA C 52 13.50 -7.55 0.92
N VAL C 53 12.59 -6.82 0.31
CA VAL C 53 12.25 -7.01 -1.10
C VAL C 53 12.13 -5.66 -1.81
N VAL C 54 12.49 -5.62 -3.08
CA VAL C 54 12.37 -4.42 -3.91
C VAL C 54 11.65 -4.76 -5.19
N SER C 55 10.53 -4.08 -5.43
CA SER C 55 9.76 -4.25 -6.65
C SER C 55 10.02 -3.12 -7.63
N GLU C 56 9.65 -3.36 -8.89
CA GLU C 56 9.67 -2.33 -9.93
C GLU C 56 8.74 -1.15 -9.58
N ARG C 57 7.71 -1.45 -8.80
CA ARG C 57 6.81 -0.45 -8.23
C ARG C 57 7.58 0.52 -7.34
N ASP C 58 8.49 -0.01 -6.52
CA ASP C 58 9.32 0.80 -5.64
C ASP C 58 10.31 1.65 -6.43
N ILE C 59 10.81 1.08 -7.52
CA ILE C 59 11.71 1.79 -8.44
C ILE C 59 10.95 2.89 -9.20
N LEU C 60 9.68 2.64 -9.52
CA LEU C 60 8.81 3.64 -10.15
C LEU C 60 8.64 4.89 -9.27
N ARG C 61 8.50 4.70 -7.95
CA ARG C 61 8.32 5.84 -7.04
C ARG C 61 9.64 6.58 -6.90
N ALA C 62 10.74 5.82 -6.93
CA ALA C 62 12.08 6.42 -6.91
C ALA C 62 12.24 7.38 -8.08
N VAL C 63 11.76 6.95 -9.25
CA VAL C 63 11.76 7.78 -10.45
C VAL C 63 10.83 8.98 -10.29
N ALA C 64 9.61 8.75 -9.83
CA ALA C 64 8.63 9.82 -9.65
C ALA C 64 9.09 10.86 -8.61
N GLN C 65 9.77 10.39 -7.56
CA GLN C 65 10.24 11.26 -6.48
C GLN C 65 11.60 11.91 -6.76
N ARG C 66 12.21 11.59 -7.90
CA ARG C 66 13.51 12.14 -8.31
C ARG C 66 14.62 11.78 -7.33
N LEU C 67 14.57 10.57 -6.80
CA LEU C 67 15.60 10.07 -5.89
C LEU C 67 16.87 9.79 -6.68
N ASP C 68 18.01 9.88 -5.99
CA ASP C 68 19.28 9.50 -6.60
C ASP C 68 19.26 7.99 -6.78
N LEU C 69 19.23 7.54 -8.03
CA LEU C 69 19.09 6.12 -8.35
C LEU C 69 20.36 5.30 -8.12
N ASP C 70 21.44 5.98 -7.73
CA ASP C 70 22.68 5.29 -7.34
C ASP C 70 22.78 5.20 -5.82
N GLY C 71 21.78 5.74 -5.10
CA GLY C 71 21.72 5.61 -3.65
C GLY C 71 21.25 4.22 -3.27
N PRO C 72 21.32 3.88 -1.97
CA PRO C 72 20.97 2.53 -1.52
C PRO C 72 19.50 2.18 -1.80
N ALA C 73 19.25 0.89 -2.03
CA ALA C 73 17.90 0.39 -2.33
C ALA C 73 17.13 0.03 -1.07
N MET C 74 17.84 -0.24 0.02
CA MET C 74 17.20 -0.67 1.27
C MET C 74 16.12 0.29 1.78
N PRO C 75 16.36 1.61 1.72
CA PRO C 75 15.32 2.56 2.13
C PRO C 75 14.01 2.45 1.35
N ILE C 76 14.09 2.11 0.05
CA ILE C 76 12.88 1.96 -0.77
C ILE C 76 12.29 0.54 -0.70
N ALA C 77 12.97 -0.37 0.00
CA ALA C 77 12.54 -1.77 0.12
C ALA C 77 11.49 -1.96 1.22
N ASN C 78 10.95 -3.18 1.31
CA ASN C 78 9.96 -3.55 2.31
C ASN C 78 10.35 -4.83 3.04
N SER C 79 9.84 -5.00 4.26
CA SER C 79 10.09 -6.20 5.06
C SER C 79 9.37 -7.39 4.41
N PRO C 80 10.08 -8.52 4.22
CA PRO C 80 9.49 -9.63 3.45
C PRO C 80 8.24 -10.28 4.06
N ILE C 81 7.20 -10.39 3.24
CA ILE C 81 6.02 -11.20 3.58
C ILE C 81 6.30 -12.58 3.00
N THR C 82 6.39 -13.59 3.86
CA THR C 82 6.83 -14.92 3.42
C THR C 82 5.79 -16.01 3.61
N VAL C 83 5.94 -17.06 2.81
CA VAL C 83 5.19 -18.31 3.00
C VAL C 83 6.21 -19.43 3.07
N LEU C 84 5.86 -20.53 3.73
CA LEU C 84 6.76 -21.68 3.82
C LEU C 84 6.71 -22.45 2.51
N ASP C 85 7.82 -23.13 2.18
CA ASP C 85 7.87 -23.97 0.99
C ASP C 85 6.91 -25.16 1.10
N THR C 86 6.61 -25.57 2.33
CA THR C 86 5.67 -26.65 2.60
C THR C 86 4.20 -26.20 2.70
N ASP C 87 3.95 -24.89 2.59
CA ASP C 87 2.57 -24.37 2.67
C ASP C 87 1.80 -24.62 1.37
N PRO C 88 0.48 -24.86 1.48
CA PRO C 88 -0.35 -24.99 0.28
C PRO C 88 -0.50 -23.65 -0.44
N VAL C 89 -0.63 -23.71 -1.77
CA VAL C 89 -0.59 -22.51 -2.62
C VAL C 89 -1.64 -21.44 -2.27
N HIS C 90 -2.82 -21.85 -1.82
CA HIS C 90 -3.88 -20.91 -1.45
C HIS C 90 -3.48 -19.97 -0.31
N VAL C 91 -2.50 -20.36 0.50
CA VAL C 91 -1.95 -19.51 1.55
C VAL C 91 -1.16 -18.36 0.94
N ALA C 92 -0.40 -18.65 -0.12
CA ALA C 92 0.34 -17.63 -0.86
C ALA C 92 -0.63 -16.62 -1.50
N ALA C 93 -1.65 -17.14 -2.18
CA ALA C 93 -2.65 -16.31 -2.85
C ALA C 93 -3.40 -15.41 -1.87
N GLU C 94 -3.69 -15.93 -0.68
CA GLU C 94 -4.39 -15.19 0.35
C GLU C 94 -3.60 -13.98 0.86
N LYS C 95 -2.28 -14.16 1.01
CA LYS C 95 -1.40 -13.07 1.44
C LYS C 95 -1.25 -12.00 0.36
N MET C 96 -1.20 -12.42 -0.90
CA MET C 96 -1.20 -11.47 -2.02
C MET C 96 -2.46 -10.62 -2.01
N ARG C 97 -3.59 -11.28 -1.75
CA ARG C 97 -4.91 -10.65 -1.76
C ARG C 97 -5.10 -9.65 -0.61
N ARG C 98 -4.76 -10.05 0.61
CA ARG C 98 -4.99 -9.19 1.77
C ARG C 98 -4.00 -8.03 1.85
N HIS C 99 -2.75 -8.27 1.46
CA HIS C 99 -1.71 -7.23 1.50
C HIS C 99 -1.63 -6.42 0.21
N ASN C 100 -2.39 -6.84 -0.80
CA ASN C 100 -2.39 -6.19 -2.11
C ASN C 100 -0.99 -6.19 -2.73
N ILE C 101 -0.35 -7.36 -2.69
CA ILE C 101 0.97 -7.57 -3.29
C ILE C 101 0.86 -8.66 -4.35
N ARG C 102 1.74 -8.60 -5.34
CA ARG C 102 1.74 -9.58 -6.43
C ARG C 102 2.89 -10.58 -6.30
N HIS C 103 3.58 -10.58 -5.17
CA HIS C 103 4.67 -11.51 -4.91
C HIS C 103 4.66 -11.96 -3.45
N VAL C 104 5.14 -13.18 -3.21
CA VAL C 104 5.38 -13.68 -1.87
C VAL C 104 6.71 -14.43 -1.87
N VAL C 105 7.53 -14.20 -0.84
CA VAL C 105 8.83 -14.84 -0.74
C VAL C 105 8.68 -16.22 -0.11
N VAL C 106 9.21 -17.23 -0.78
CA VAL C 106 9.12 -18.61 -0.30
C VAL C 106 10.39 -18.98 0.47
N VAL C 107 10.24 -19.26 1.76
CA VAL C 107 11.36 -19.69 2.62
C VAL C 107 11.09 -21.08 3.17
N ASN C 108 12.13 -21.67 3.79
CA ASN C 108 12.01 -22.97 4.43
C ASN C 108 11.85 -22.83 5.94
N LYS C 109 11.78 -23.95 6.65
CA LYS C 109 11.60 -23.96 8.11
C LYS C 109 12.68 -23.19 8.87
N ASN C 110 13.91 -23.18 8.33
CA ASN C 110 15.03 -22.46 8.93
C ASN C 110 14.99 -20.95 8.64
N GLY C 111 14.14 -20.54 7.72
CA GLY C 111 14.01 -19.13 7.33
C GLY C 111 15.01 -18.73 6.28
N GLU C 112 15.33 -19.65 5.37
CA GLU C 112 16.27 -19.41 4.29
C GLU C 112 15.52 -19.26 2.97
N LEU C 113 16.03 -18.41 2.09
CA LEU C 113 15.39 -18.13 0.81
C LEU C 113 15.39 -19.34 -0.11
N VAL C 114 14.20 -19.88 -0.37
CA VAL C 114 14.02 -21.00 -1.29
C VAL C 114 13.61 -20.53 -2.68
N GLY C 115 12.80 -19.48 -2.73
CA GLY C 115 12.34 -18.91 -4.00
C GLY C 115 11.34 -17.78 -3.83
N VAL C 116 10.77 -17.33 -4.94
CA VAL C 116 9.77 -16.28 -4.95
C VAL C 116 8.61 -16.69 -5.84
N LEU C 117 7.38 -16.50 -5.34
CA LEU C 117 6.17 -16.85 -6.07
C LEU C 117 5.46 -15.57 -6.51
N SER C 118 5.01 -15.56 -7.76
CA SER C 118 4.31 -14.40 -8.32
C SER C 118 2.84 -14.70 -8.56
N ILE C 119 2.05 -13.62 -8.65
CA ILE C 119 0.64 -13.73 -9.00
C ILE C 119 0.49 -14.40 -10.38
N ARG C 120 1.44 -14.17 -11.28
CA ARG C 120 1.49 -14.85 -12.58
C ARG C 120 1.42 -16.38 -12.45
N ASP C 121 2.08 -16.92 -11.43
CA ASP C 121 2.14 -18.36 -11.22
C ASP C 121 0.79 -18.97 -10.80
N LEU C 122 -0.04 -18.19 -10.12
CA LEU C 122 -1.31 -18.69 -9.59
C LEU C 122 -2.49 -18.53 -10.55
N CYS C 123 -2.47 -17.47 -11.37
CA CYS C 123 -3.63 -17.11 -12.19
C CYS C 123 -3.69 -17.76 -13.57
N PHE C 124 -2.54 -18.13 -14.14
CA PHE C 124 -2.49 -18.62 -15.53
C PHE C 124 -2.36 -20.14 -15.68
N GLU C 125 -2.88 -20.90 -14.72
CA GLU C 125 -2.92 -22.35 -14.84
C GLU C 125 -4.22 -22.90 -14.28
N ARG C 126 -5.03 -23.52 -15.15
CA ARG C 126 -6.34 -24.06 -14.79
C ARG C 126 -6.35 -24.93 -13.53
N ALA C 127 -5.32 -25.74 -13.36
CA ALA C 127 -5.20 -26.63 -12.21
C ALA C 127 -5.17 -25.87 -10.88
N ILE C 128 -4.57 -24.68 -10.89
CA ILE C 128 -4.45 -23.86 -9.68
C ILE C 128 -5.69 -23.02 -9.44
N LEU C 129 -6.19 -22.38 -10.49
CA LEU C 129 -7.40 -21.55 -10.41
C LEU C 129 -8.57 -22.29 -9.76
N LEU C 130 -8.75 -23.55 -10.14
CA LEU C 130 -9.82 -24.39 -9.60
C LEU C 130 -9.63 -24.65 -8.10
N GLU C 131 -8.37 -24.78 -7.69
CA GLU C 131 -8.02 -25.01 -6.29
C GLU C 131 -8.21 -23.76 -5.43
N LEU C 132 -7.84 -22.59 -5.98
CA LEU C 132 -8.00 -21.33 -5.29
C LEU C 132 -9.46 -20.95 -5.13
N ILE D 5 -21.02 -12.98 -17.03
CA ILE D 5 -20.07 -12.20 -16.18
C ILE D 5 -19.08 -11.45 -17.06
N ARG D 6 -19.24 -10.12 -17.13
CA ARG D 6 -18.49 -9.29 -18.09
C ARG D 6 -17.54 -8.29 -17.43
N THR D 7 -16.65 -7.72 -18.25
CA THR D 7 -15.58 -6.85 -17.80
C THR D 7 -16.08 -5.58 -17.10
N SER D 8 -17.15 -4.98 -17.62
CA SER D 8 -17.73 -3.77 -17.04
C SER D 8 -18.10 -3.94 -15.56
N GLU D 9 -18.44 -5.17 -15.17
CA GLU D 9 -18.82 -5.47 -13.78
C GLU D 9 -17.63 -5.43 -12.81
N LEU D 10 -16.41 -5.51 -13.34
CA LEU D 10 -15.19 -5.51 -12.51
C LEU D 10 -14.44 -4.17 -12.48
N LEU D 11 -14.81 -3.22 -13.34
CA LEU D 11 -14.16 -1.91 -13.38
C LEU D 11 -14.41 -1.14 -12.09
N LYS D 12 -13.38 -1.01 -11.27
CA LYS D 12 -13.52 -0.46 -9.91
C LYS D 12 -13.34 1.05 -9.80
N ARG D 13 -12.73 1.68 -10.80
CA ARG D 13 -12.42 3.11 -10.70
C ARG D 13 -12.45 3.82 -12.07
N PRO D 14 -12.36 5.17 -12.07
CA PRO D 14 -12.19 5.88 -13.34
C PRO D 14 -10.79 5.67 -13.91
N PRO D 15 -10.65 5.71 -15.25
CA PRO D 15 -9.36 5.44 -15.88
C PRO D 15 -8.26 6.43 -15.45
N VAL D 16 -7.07 5.89 -15.16
CA VAL D 16 -5.90 6.71 -14.88
C VAL D 16 -5.18 6.90 -16.21
N SER D 17 -5.14 8.15 -16.67
CA SER D 17 -4.56 8.45 -17.98
C SER D 17 -3.88 9.79 -18.02
N LEU D 18 -3.01 9.95 -19.02
CA LEU D 18 -2.36 11.23 -19.32
C LEU D 18 -2.45 11.46 -20.81
N PRO D 19 -2.16 12.70 -21.27
CA PRO D 19 -2.06 12.92 -22.70
C PRO D 19 -0.81 12.24 -23.27
N GLU D 20 -0.85 11.89 -24.55
CA GLU D 20 0.28 11.22 -25.22
C GLU D 20 1.58 12.04 -25.22
N THR D 21 1.48 13.34 -24.95
CA THR D 21 2.63 14.24 -24.90
C THR D 21 3.37 14.20 -23.56
N ALA D 22 2.85 13.46 -22.59
CA ALA D 22 3.46 13.37 -21.26
C ALA D 22 4.88 12.82 -21.31
N THR D 23 5.71 13.23 -20.34
CA THR D 23 7.07 12.73 -20.22
C THR D 23 7.06 11.43 -19.43
N ILE D 24 8.22 10.76 -19.38
CA ILE D 24 8.34 9.49 -18.65
C ILE D 24 8.13 9.70 -17.14
N ARG D 25 8.71 10.75 -16.59
CA ARG D 25 8.59 11.03 -15.15
C ARG D 25 7.16 11.42 -14.77
N GLU D 26 6.48 12.15 -15.65
CA GLU D 26 5.08 12.54 -15.43
C GLU D 26 4.17 11.32 -15.36
N VAL D 27 4.47 10.30 -16.16
CA VAL D 27 3.73 9.03 -16.10
C VAL D 27 4.04 8.32 -14.79
N ALA D 28 5.32 8.26 -14.43
CA ALA D 28 5.75 7.65 -13.16
C ALA D 28 5.02 8.28 -11.98
N THR D 29 4.98 9.62 -11.94
CA THR D 29 4.29 10.36 -10.89
C THR D 29 2.80 10.01 -10.83
N GLU D 30 2.18 9.94 -12.00
CA GLU D 30 0.75 9.63 -12.10
C GLU D 30 0.47 8.20 -11.62
N LEU D 31 1.37 7.27 -11.93
CA LEU D 31 1.26 5.88 -11.46
C LEU D 31 1.43 5.77 -9.95
N ALA D 32 2.45 6.44 -9.41
CA ALA D 32 2.70 6.44 -7.97
C ALA D 32 1.52 7.06 -7.20
N LYS D 33 1.04 8.17 -7.72
CA LYS D 33 -0.07 8.92 -7.12
C LYS D 33 -1.34 8.07 -7.07
N ASN D 34 -1.65 7.40 -8.16
CA ASN D 34 -2.84 6.55 -8.26
C ASN D 34 -2.64 5.12 -7.76
N ARG D 35 -1.40 4.75 -7.46
CA ARG D 35 -1.06 3.39 -7.00
C ARG D 35 -1.59 2.32 -7.97
N VAL D 36 -1.35 2.56 -9.26
CA VAL D 36 -1.69 1.62 -10.33
C VAL D 36 -0.41 1.27 -11.10
N GLY D 37 -0.43 0.14 -11.80
CA GLY D 37 0.75 -0.34 -12.54
C GLY D 37 0.82 0.09 -14.00
N LEU D 38 -0.29 0.60 -14.53
CA LEU D 38 -0.37 1.00 -15.94
C LEU D 38 -1.01 2.37 -16.09
N ALA D 39 -0.60 3.11 -17.12
CA ALA D 39 -1.19 4.40 -17.46
C ALA D 39 -1.52 4.41 -18.95
N VAL D 40 -2.79 4.68 -19.27
CA VAL D 40 -3.21 4.79 -20.66
C VAL D 40 -2.88 6.19 -21.16
N LEU D 41 -2.29 6.28 -22.36
CA LEU D 41 -1.98 7.57 -22.97
C LEU D 41 -3.08 7.94 -23.95
N THR D 42 -3.69 9.10 -23.75
CA THR D 42 -4.81 9.54 -24.59
C THR D 42 -4.35 10.49 -25.69
N ALA D 43 -5.10 10.53 -26.79
CA ALA D 43 -4.77 11.36 -27.94
C ALA D 43 -4.87 12.85 -27.61
N ARG D 44 -4.02 13.67 -28.24
CA ARG D 44 -4.05 15.12 -28.06
C ARG D 44 -5.45 15.68 -28.31
N ASP D 45 -5.94 15.46 -29.53
CA ASP D 45 -7.24 15.98 -29.97
C ASP D 45 -8.41 15.37 -29.21
N ASN D 46 -8.34 14.07 -28.93
CA ASN D 46 -9.41 13.36 -28.25
C ASN D 46 -8.90 12.65 -26.99
N PRO D 47 -9.09 13.26 -25.81
CA PRO D 47 -8.69 12.66 -24.53
C PRO D 47 -9.46 11.39 -24.14
N LYS D 48 -10.54 11.08 -24.86
CA LYS D 48 -11.31 9.87 -24.61
C LYS D 48 -10.71 8.66 -25.35
N ARG D 49 -9.96 8.95 -26.41
CA ARG D 49 -9.37 7.93 -27.27
C ARG D 49 -8.01 7.48 -26.75
N PRO D 50 -7.85 6.20 -26.38
CA PRO D 50 -6.55 5.69 -25.96
C PRO D 50 -5.64 5.42 -27.17
N VAL D 51 -4.45 6.01 -27.16
CA VAL D 51 -3.48 5.84 -28.27
C VAL D 51 -2.30 4.94 -27.90
N ALA D 52 -2.03 4.80 -26.60
CA ALA D 52 -0.96 3.92 -26.12
C ALA D 52 -1.07 3.68 -24.63
N VAL D 53 -0.19 2.83 -24.11
CA VAL D 53 -0.14 2.52 -22.69
C VAL D 53 1.30 2.48 -22.21
N VAL D 54 1.52 2.86 -20.95
CA VAL D 54 2.84 2.81 -20.33
C VAL D 54 2.72 2.17 -18.96
N SER D 55 3.53 1.14 -18.74
CA SER D 55 3.55 0.44 -17.46
C SER D 55 4.78 0.82 -16.66
N GLU D 56 4.72 0.53 -15.37
CA GLU D 56 5.88 0.63 -14.49
C GLU D 56 7.03 -0.27 -14.96
N ARG D 57 6.68 -1.37 -15.65
CA ARG D 57 7.66 -2.24 -16.31
C ARG D 57 8.44 -1.47 -17.37
N ASP D 58 7.75 -0.66 -18.16
CA ASP D 58 8.40 0.15 -19.20
C ASP D 58 9.33 1.17 -18.57
N ILE D 59 8.86 1.84 -17.52
CA ILE D 59 9.67 2.81 -16.78
C ILE D 59 10.90 2.17 -16.17
N LEU D 60 10.75 0.94 -15.66
CA LEU D 60 11.87 0.19 -15.10
C LEU D 60 12.97 -0.04 -16.13
N ARG D 61 12.59 -0.37 -17.35
CA ARG D 61 13.55 -0.61 -18.42
C ARG D 61 14.15 0.70 -18.93
N ALA D 62 13.42 1.80 -18.76
CA ALA D 62 13.95 3.13 -19.05
C ALA D 62 15.04 3.50 -18.05
N VAL D 63 14.86 3.10 -16.79
CA VAL D 63 15.86 3.31 -15.74
C VAL D 63 17.12 2.48 -16.00
N ALA D 64 16.93 1.19 -16.32
CA ALA D 64 18.03 0.27 -16.58
C ALA D 64 18.88 0.71 -17.78
N GLN D 65 18.21 1.23 -18.80
CA GLN D 65 18.87 1.69 -20.03
C GLN D 65 19.38 3.13 -19.96
N ARG D 66 19.18 3.79 -18.81
CA ARG D 66 19.66 5.15 -18.58
C ARG D 66 19.11 6.16 -19.59
N LEU D 67 17.81 6.04 -19.90
CA LEU D 67 17.15 7.01 -20.77
C LEU D 67 16.83 8.27 -19.98
N ASP D 68 16.76 9.41 -20.66
CA ASP D 68 16.39 10.67 -20.02
C ASP D 68 14.94 10.56 -19.57
N LEU D 69 14.74 10.52 -18.26
CA LEU D 69 13.42 10.28 -17.67
C LEU D 69 12.47 11.46 -17.80
N ASP D 70 12.99 12.62 -18.21
CA ASP D 70 12.17 13.78 -18.51
C ASP D 70 11.84 13.87 -20.01
N GLY D 71 12.31 12.88 -20.77
CA GLY D 71 11.98 12.78 -22.20
C GLY D 71 10.57 12.27 -22.38
N PRO D 72 10.07 12.27 -23.63
CA PRO D 72 8.70 11.86 -23.90
C PRO D 72 8.46 10.39 -23.60
N ALA D 73 7.24 10.06 -23.17
CA ALA D 73 6.87 8.69 -22.80
C ALA D 73 6.37 7.86 -23.99
N MET D 74 5.95 8.53 -25.06
CA MET D 74 5.38 7.83 -26.22
C MET D 74 6.32 6.80 -26.86
N PRO D 75 7.64 7.11 -26.92
CA PRO D 75 8.59 6.10 -27.40
C PRO D 75 8.61 4.80 -26.59
N ILE D 76 8.44 4.89 -25.27
CA ILE D 76 8.42 3.69 -24.41
C ILE D 76 7.00 3.11 -24.22
N ALA D 77 5.99 3.72 -24.84
CA ALA D 77 4.61 3.27 -24.71
C ALA D 77 4.26 2.23 -25.79
N ASN D 78 3.27 1.39 -25.49
CA ASN D 78 2.83 0.33 -26.42
C ASN D 78 1.42 0.56 -26.93
N SER D 79 1.14 0.08 -28.14
CA SER D 79 -0.21 0.20 -28.73
C SER D 79 -1.18 -0.67 -27.93
N PRO D 80 -2.32 -0.08 -27.49
CA PRO D 80 -3.19 -0.72 -26.51
C PRO D 80 -3.86 -2.03 -26.97
N ILE D 81 -3.81 -3.03 -26.10
CA ILE D 81 -4.55 -4.28 -26.28
C ILE D 81 -5.85 -4.13 -25.51
N THR D 82 -6.98 -4.13 -26.23
CA THR D 82 -8.25 -3.76 -25.62
C THR D 82 -9.31 -4.86 -25.63
N VAL D 83 -10.27 -4.72 -24.72
CA VAL D 83 -11.47 -5.54 -24.68
C VAL D 83 -12.67 -4.61 -24.56
N LEU D 84 -13.83 -5.03 -25.07
CA LEU D 84 -15.04 -4.23 -24.95
C LEU D 84 -15.59 -4.33 -23.53
N ASP D 85 -16.27 -3.29 -23.09
CA ASP D 85 -16.89 -3.29 -21.76
C ASP D 85 -17.99 -4.35 -21.66
N THR D 86 -18.61 -4.66 -22.80
CA THR D 86 -19.65 -5.70 -22.86
C THR D 86 -19.10 -7.12 -23.02
N ASP D 87 -17.78 -7.27 -23.16
CA ASP D 87 -17.17 -8.60 -23.29
C ASP D 87 -17.13 -9.33 -21.96
N PRO D 88 -17.26 -10.67 -21.99
CA PRO D 88 -17.15 -11.45 -20.77
C PRO D 88 -15.72 -11.45 -20.23
N VAL D 89 -15.58 -11.55 -18.90
CA VAL D 89 -14.28 -11.39 -18.23
C VAL D 89 -13.20 -12.37 -18.68
N HIS D 90 -13.62 -13.59 -19.01
CA HIS D 90 -12.68 -14.63 -19.44
C HIS D 90 -11.91 -14.26 -20.73
N VAL D 91 -12.44 -13.31 -21.50
CA VAL D 91 -11.76 -12.81 -22.70
C VAL D 91 -10.59 -11.93 -22.29
N ALA D 92 -10.80 -11.09 -21.27
CA ALA D 92 -9.73 -10.26 -20.73
C ALA D 92 -8.62 -11.12 -20.12
N ALA D 93 -9.01 -12.16 -19.40
CA ALA D 93 -8.06 -13.10 -18.78
C ALA D 93 -7.24 -13.84 -19.83
N GLU D 94 -7.87 -14.16 -20.95
CA GLU D 94 -7.22 -14.84 -22.07
C GLU D 94 -6.13 -13.96 -22.68
N LYS D 95 -6.46 -12.69 -22.91
CA LYS D 95 -5.51 -11.73 -23.49
C LYS D 95 -4.29 -11.54 -22.59
N MET D 96 -4.52 -11.46 -21.28
CA MET D 96 -3.44 -11.33 -20.31
C MET D 96 -2.52 -12.56 -20.31
N ARG D 97 -3.11 -13.74 -20.41
CA ARG D 97 -2.36 -15.00 -20.45
C ARG D 97 -1.54 -15.13 -21.73
N ARG D 98 -2.17 -14.81 -22.86
CA ARG D 98 -1.54 -14.97 -24.18
C ARG D 98 -0.38 -14.01 -24.39
N HIS D 99 -0.58 -12.74 -24.08
CA HIS D 99 0.47 -11.73 -24.25
C HIS D 99 1.39 -11.60 -23.05
N ASN D 100 1.12 -12.34 -21.99
CA ASN D 100 1.93 -12.27 -20.78
C ASN D 100 1.93 -10.85 -20.21
N ILE D 101 0.75 -10.23 -20.20
CA ILE D 101 0.58 -8.89 -19.65
C ILE D 101 -0.33 -9.01 -18.44
N ARG D 102 -0.35 -7.97 -17.61
CA ARG D 102 -1.18 -7.97 -16.41
C ARG D 102 -2.29 -6.92 -16.46
N HIS D 103 -2.48 -6.31 -17.63
CA HIS D 103 -3.52 -5.31 -17.82
C HIS D 103 -4.18 -5.43 -19.19
N VAL D 104 -5.46 -5.06 -19.25
CA VAL D 104 -6.18 -4.91 -20.51
C VAL D 104 -6.96 -3.60 -20.44
N VAL D 105 -6.96 -2.87 -21.56
CA VAL D 105 -7.64 -1.59 -21.64
C VAL D 105 -9.10 -1.84 -22.02
N VAL D 106 -10.03 -1.39 -21.20
CA VAL D 106 -11.46 -1.59 -21.48
C VAL D 106 -12.00 -0.37 -22.21
N VAL D 107 -12.61 -0.60 -23.37
CA VAL D 107 -13.21 0.46 -24.18
C VAL D 107 -14.67 0.12 -24.49
N ASN D 108 -15.38 1.07 -25.10
CA ASN D 108 -16.77 0.85 -25.53
C ASN D 108 -16.85 0.63 -27.04
N LYS D 109 -18.07 0.48 -27.55
CA LYS D 109 -18.30 0.28 -28.99
C LYS D 109 -17.70 1.37 -29.87
N ASN D 110 -17.68 2.61 -29.37
CA ASN D 110 -17.11 3.74 -30.11
C ASN D 110 -15.58 3.84 -30.00
N GLY D 111 -14.96 2.92 -29.26
CA GLY D 111 -13.51 2.91 -29.10
C GLY D 111 -13.02 4.01 -28.16
N GLU D 112 -13.81 4.29 -27.13
CA GLU D 112 -13.48 5.31 -26.13
C GLU D 112 -13.06 4.64 -24.83
N LEU D 113 -12.19 5.30 -24.07
CA LEU D 113 -11.67 4.74 -22.82
C LEU D 113 -12.74 4.70 -21.72
N VAL D 114 -13.14 3.49 -21.34
CA VAL D 114 -14.09 3.29 -20.25
C VAL D 114 -13.35 3.04 -18.95
N GLY D 115 -12.37 2.14 -19.00
CA GLY D 115 -11.54 1.83 -17.84
C GLY D 115 -10.40 0.88 -18.17
N VAL D 116 -9.74 0.38 -17.13
CA VAL D 116 -8.63 -0.57 -17.28
C VAL D 116 -8.78 -1.70 -16.28
N LEU D 117 -8.59 -2.93 -16.76
CA LEU D 117 -8.70 -4.12 -15.91
C LEU D 117 -7.30 -4.68 -15.64
N SER D 118 -7.14 -5.31 -14.48
CA SER D 118 -5.85 -5.84 -14.04
C SER D 118 -5.96 -7.33 -13.70
N ILE D 119 -4.82 -8.02 -13.69
CA ILE D 119 -4.76 -9.41 -13.26
C ILE D 119 -5.20 -9.52 -11.79
N ARG D 120 -4.99 -8.44 -11.04
CA ARG D 120 -5.41 -8.33 -9.65
C ARG D 120 -6.94 -8.42 -9.49
N ASP D 121 -7.66 -7.94 -10.50
CA ASP D 121 -9.13 -7.97 -10.50
C ASP D 121 -9.69 -9.37 -10.71
N LEU D 122 -8.99 -10.17 -11.51
CA LEU D 122 -9.50 -11.48 -11.93
C LEU D 122 -9.13 -12.63 -10.98
N CYS D 123 -8.08 -12.46 -10.20
CA CYS D 123 -7.51 -13.58 -9.43
C CYS D 123 -7.94 -13.63 -7.97
N PHE D 124 -8.21 -12.48 -7.36
CA PHE D 124 -8.52 -12.41 -5.92
C PHE D 124 -10.01 -12.43 -5.58
N GLU D 125 -10.85 -12.83 -6.53
CA GLU D 125 -12.28 -13.02 -6.27
C GLU D 125 -12.66 -14.46 -6.58
N ARG D 126 -13.17 -15.17 -5.57
CA ARG D 126 -13.50 -16.59 -5.72
C ARG D 126 -14.63 -16.83 -6.72
N ALA D 127 -15.52 -15.84 -6.87
CA ALA D 127 -16.61 -15.92 -7.85
C ALA D 127 -16.08 -15.90 -9.28
N ILE D 128 -15.01 -15.13 -9.50
CA ILE D 128 -14.41 -15.01 -10.84
C ILE D 128 -13.55 -16.24 -11.15
N LEU D 129 -12.68 -16.61 -10.22
CA LEU D 129 -11.79 -17.77 -10.38
C LEU D 129 -12.50 -19.01 -10.93
N LEU D 130 -13.67 -19.31 -10.37
CA LEU D 130 -14.48 -20.45 -10.83
C LEU D 130 -14.86 -20.31 -12.30
N GLU D 131 -15.25 -19.11 -12.71
CA GLU D 131 -15.64 -18.84 -14.09
C GLU D 131 -14.46 -18.96 -15.06
N LEU D 132 -13.27 -18.53 -14.62
CA LEU D 132 -12.07 -18.59 -15.44
C LEU D 132 -11.51 -20.01 -15.51
N ALA D 133 -11.66 -20.78 -14.43
CA ALA D 133 -11.21 -22.17 -14.39
C ALA D 133 -11.96 -23.04 -15.40
N THR D 134 -13.27 -22.83 -15.49
CA THR D 134 -14.12 -23.58 -16.42
C THR D 134 -14.23 -22.85 -17.76
CS CS E . 8.23 4.68 -0.35
CS CS F . -12.58 26.57 9.06
P AMP G . -3.70 12.59 12.56
O1P AMP G . -3.18 11.86 13.77
O2P AMP G . -2.60 13.22 11.73
O3P AMP G . -4.73 11.84 11.76
O5' AMP G . -4.55 13.78 13.23
C5' AMP G . -4.08 15.13 13.31
C4' AMP G . -5.21 16.06 12.90
O4' AMP G . -4.64 17.27 12.37
C3' AMP G . -6.13 15.49 11.83
O3' AMP G . -7.46 15.33 12.34
C2' AMP G . -6.07 16.48 10.67
O2' AMP G . -7.25 17.28 10.60
C1' AMP G . -4.89 17.37 10.98
N9 AMP G . -3.66 16.97 10.24
C8 AMP G . -3.23 15.72 9.99
N7 AMP G . -2.05 15.76 9.30
C5 AMP G . -1.73 17.05 9.11
C6 AMP G . -0.64 17.82 8.48
N6 AMP G . 0.39 17.19 7.86
N1 AMP G . -0.71 19.17 8.51
C2 AMP G . -1.72 19.83 9.11
N3 AMP G . -2.74 19.19 9.71
C4 AMP G . -2.80 17.84 9.74
P AMP H . -1.14 6.64 6.82
O1P AMP H . -1.85 5.34 7.09
O2P AMP H . -2.02 7.70 6.22
O3P AMP H . -0.30 7.14 7.97
O5' AMP H . -0.06 6.27 5.69
C5' AMP H . 0.20 4.92 5.28
C4' AMP H . 1.05 4.90 4.01
O4' AMP H . 0.39 5.64 2.98
C3' AMP H . 2.40 5.54 4.22
O3' AMP H . 3.41 4.80 3.51
C2' AMP H . 2.25 6.94 3.66
O2' AMP H . 3.47 7.47 3.15
C1' AMP H . 1.18 6.77 2.59
N9 AMP H . 0.33 7.98 2.48
C8 AMP H . -0.50 8.46 3.42
N7 AMP H . -1.14 9.58 2.99
C5 AMP H . -0.72 9.81 1.74
C6 AMP H . -0.98 10.83 0.70
N6 AMP H . -1.85 11.84 0.94
N1 AMP H . -0.31 10.71 -0.47
C2 AMP H . 0.56 9.70 -0.71
N3 AMP H . 0.84 8.75 0.19
C4 AMP H . 0.25 8.75 1.41
CS CS I . -25.57 2.83 21.39
CS CS J . 2.27 4.81 27.84
CS CS K . -12.98 13.52 22.49
CS CS L . -5.10 8.24 22.53
P AMP M . -4.44 -0.69 10.11
O1P AMP M . -5.80 -0.03 10.07
O2P AMP M . -3.51 -0.28 9.00
O3P AMP M . -3.82 -0.70 11.48
O5' AMP M . -4.72 -2.23 9.77
C5' AMP M . -5.14 -2.66 8.47
C4' AMP M . -6.28 -3.67 8.60
O4' AMP M . -5.85 -4.80 9.39
C3' AMP M . -7.51 -3.08 9.27
O3' AMP M . -8.60 -3.03 8.35
C2' AMP M . -7.83 -3.98 10.44
O2' AMP M . -9.07 -4.66 10.24
C1' AMP M . -6.71 -5.00 10.52
N9 AMP M . -5.89 -4.89 11.75
C8 AMP M . -5.34 -3.77 12.29
N7 AMP M . -4.65 -4.06 13.42
C5 AMP M . -4.74 -5.39 13.61
C6 AMP M . -4.25 -6.38 14.61
N6 AMP M . -3.50 -5.98 15.66
N1 AMP M . -4.58 -7.68 14.43
C2 AMP M . -5.34 -8.09 13.39
N3 AMP M . -5.81 -7.25 12.46
C4 AMP M . -5.56 -5.92 12.51
P AMP N . -3.74 4.56 16.87
O1P AMP N . -4.41 3.21 16.90
O2P AMP N . -2.42 4.57 16.16
O3P AMP N . -4.66 5.71 16.55
O5' AMP N . -3.37 4.84 18.41
C5' AMP N . -2.41 5.80 18.82
C4' AMP N . -2.33 5.83 20.34
O4' AMP N . -3.56 5.37 20.93
C3' AMP N . -1.23 4.93 20.89
O3' AMP N . -0.63 5.56 22.03
C2' AMP N . -1.95 3.66 21.26
O2' AMP N . -1.30 2.94 22.30
C1' AMP N . -3.34 4.14 21.65
N9 AMP N . -4.37 3.11 21.32
C8 AMP N . -4.88 2.85 20.10
N7 AMP N . -5.79 1.87 20.14
C5 AMP N . -5.89 1.47 21.41
C6 AMP N . -6.68 0.45 22.14
N6 AMP N . -7.56 -0.34 21.47
N1 AMP N . -6.49 0.34 23.48
C2 AMP N . -5.61 1.14 24.13
N3 AMP N . -4.87 2.08 23.53
C4 AMP N . -4.96 2.29 22.19
CS CS O . 9.30 1.40 1.53
CS CS P . 1.51 -3.02 -1.01
CS CS Q . 10.21 -27.21 -8.46
P AMP R . 6.99 -11.37 -12.32
O1P AMP R . 5.69 -12.10 -12.12
O2P AMP R . 7.00 -10.43 -13.50
O3P AMP R . 7.56 -10.77 -11.06
O5' AMP R . 8.05 -12.51 -12.73
C5' AMP R . 7.84 -13.41 -13.82
C4' AMP R . 8.08 -14.85 -13.37
O4' AMP R . 9.34 -14.94 -12.70
C3' AMP R . 7.01 -15.37 -12.41
O3' AMP R . 6.31 -16.46 -13.00
C2' AMP R . 7.73 -15.81 -11.15
O2' AMP R . 7.53 -17.21 -10.92
C1' AMP R . 9.21 -15.53 -11.39
N9 AMP R . 9.81 -14.62 -10.39
C8 AMP R . 9.36 -13.40 -10.02
N7 AMP R . 10.16 -12.83 -9.08
C5 AMP R . 11.15 -13.70 -8.84
C6 AMP R . 12.34 -13.74 -7.95
N6 AMP R . 12.64 -12.72 -7.12
N1 AMP R . 13.12 -14.85 -7.99
C2 AMP R . 12.84 -15.88 -8.81
N3 AMP R . 11.78 -15.91 -9.64
C4 AMP R . 10.92 -14.87 -9.69
P AMP S . 4.53 -6.03 -6.53
O1P AMP S . 3.05 -5.80 -6.63
O2P AMP S . 4.88 -7.40 -5.98
O3P AMP S . 5.33 -5.63 -7.73
O5' AMP S . 5.00 -5.00 -5.39
C5' AMP S . 4.28 -3.79 -5.13
C4' AMP S . 4.60 -3.22 -3.76
O4' AMP S . 4.38 -4.23 -2.77
C3' AMP S . 6.05 -2.79 -3.58
O3' AMP S . 6.11 -1.64 -2.73
C2' AMP S . 6.72 -3.97 -2.92
O2' AMP S . 7.83 -3.59 -2.11
C1' AMP S . 5.59 -4.58 -2.09
N9 AMP S . 5.75 -6.05 -2.00
C8 AMP S . 5.57 -6.94 -2.99
N7 AMP S . 5.81 -8.20 -2.57
C5 AMP S . 6.15 -8.13 -1.28
C6 AMP S . 6.54 -9.10 -0.24
N6 AMP S . 6.59 -10.43 -0.50
N1 AMP S . 6.82 -8.62 0.99
C2 AMP S . 6.78 -7.29 1.27
N3 AMP S . 6.43 -6.36 0.36
C4 AMP S . 6.11 -6.71 -0.91
CS CS T . 6.54 2.36 -29.53
CS CS U . -18.77 -1.18 -11.86
P AMP V . -2.71 -2.50 -10.50
O1P AMP V . -2.25 -1.79 -11.75
O2P AMP V . -3.03 -3.97 -10.69
O3P AMP V . -1.88 -2.20 -9.29
O5' AMP V . -4.12 -1.81 -10.17
C5' AMP V . -4.99 -2.33 -9.16
C4' AMP V . -6.40 -1.82 -9.38
O4' AMP V . -6.39 -0.61 -10.14
C3' AMP V . -7.28 -2.80 -10.15
O3' AMP V . -8.54 -2.91 -9.48
C2' AMP V . -7.45 -2.21 -11.53
O2' AMP V . -8.77 -2.39 -12.02
C1' AMP V . -7.12 -0.74 -11.35
N9 AMP V . -6.31 -0.17 -12.47
C8 AMP V . -5.11 -0.61 -12.92
N7 AMP V . -4.66 0.18 -13.94
C5 AMP V . -5.58 1.15 -14.13
C6 AMP V . -5.74 2.31 -15.04
N6 AMP V . -4.81 2.61 -15.97
N1 AMP V . -6.86 3.06 -14.89
C2 AMP V . -7.80 2.78 -13.97
N3 AMP V . -7.72 1.74 -13.13
C4 AMP V . -6.65 0.91 -13.16
P AMP W . 2.23 -5.16 -17.10
O1P AMP W . 0.85 -4.59 -17.31
O2P AMP W . 3.11 -4.27 -16.25
O3P AMP W . 2.29 -6.62 -16.75
O5' AMP W . 2.88 -5.16 -18.58
C5' AMP W . 4.16 -4.60 -18.85
C4' AMP W . 4.46 -4.57 -20.34
O4' AMP W . 3.32 -4.99 -21.13
C3' AMP W . 4.76 -3.16 -20.79
O3' AMP W . 5.66 -3.20 -21.90
C2' AMP W . 3.40 -2.63 -21.17
O2' AMP W . 3.46 -1.50 -22.06
C1' AMP W . 2.76 -3.86 -21.80
N9 AMP W . 1.28 -3.85 -21.66
C8 AMP W . 0.59 -4.08 -20.53
N7 AMP W . -0.75 -4.00 -20.75
C5 AMP W . -0.92 -3.71 -22.05
C6 AMP W . -2.07 -3.48 -22.95
N6 AMP W . -3.33 -3.56 -22.47
N1 AMP W . -1.81 -3.21 -24.24
C2 AMP W . -0.55 -3.13 -24.72
N3 AMP W . 0.54 -3.32 -23.97
C4 AMP W . 0.42 -3.61 -22.64
#